data_1W3R
#
_entry.id   1W3R
#
_cell.length_a   99.592
_cell.length_b   39.166
_cell.length_c   59.836
_cell.angle_alpha   90.00
_cell.angle_beta   114.09
_cell.angle_gamma   90.00
#
_symmetry.space_group_name_H-M   'C 1 2 1'
#
loop_
_entity.id
_entity.type
_entity.pdbx_description
1 polymer 'NIMA-RELATED PROTEIN'
2 non-polymer 'ACETATE ION'
3 non-polymer 'PYRUVIC ACID'
4 non-polymer Metronidazole
5 water water
#
_entity_poly.entity_id   1
_entity_poly.type   'polypeptide(L)'
_entity_poly.pdbx_seq_one_letter_code
;MSYYHHHHHHLESTSLYKKAGMSDFYDPRERDPSVSRRPQNRQSDEWIRELLLRGTIARVATLWQGEDGAAFPFITPLAY
AYRPEQGDLVYHTNVVGRLRANAGQGHPATLEVSEIGQFLPSNSPLELSVQYRSVMVFGTARVLAGEDARAALTTLSERV
FPGLKVGETTRPISEDDLKRTSVYSLSIDRWSGKENWAEQAIQEEDWPALGPEWLG
;
_entity_poly.pdbx_strand_id   A
#
# COMPACT_ATOMS: atom_id res chain seq x y z
N SER A 2 30.84 12.30 17.57
CA SER A 2 30.71 11.99 19.02
C SER A 2 31.94 12.49 19.77
N TYR A 3 31.83 12.72 21.09
CA TYR A 3 33.00 13.08 21.88
C TYR A 3 34.18 12.09 21.73
N TYR A 4 33.94 10.80 22.00
CA TYR A 4 35.01 9.80 21.94
C TYR A 4 35.84 9.91 20.67
N HIS A 5 35.16 10.08 19.54
CA HIS A 5 35.81 10.22 18.23
C HIS A 5 36.52 11.57 18.06
N HIS A 6 35.81 12.65 18.38
CA HIS A 6 36.42 13.98 18.41
C HIS A 6 37.71 13.97 19.23
N HIS A 7 37.63 13.45 20.45
CA HIS A 7 38.81 13.43 21.36
C HIS A 7 39.96 12.55 20.80
N HIS A 8 39.60 11.42 20.20
CA HIS A 8 40.60 10.54 19.57
C HIS A 8 41.30 11.24 18.42
N HIS A 9 40.55 11.99 17.61
CA HIS A 9 41.13 12.80 16.53
C HIS A 9 42.08 13.87 17.08
N HIS A 10 41.65 14.56 18.13
CA HIS A 10 42.45 15.65 18.70
C HIS A 10 43.76 15.20 19.33
N LEU A 11 43.78 14.01 19.95
CA LEU A 11 45.03 13.38 20.42
C LEU A 11 45.81 12.85 19.21
N SER A 23 25.22 6.25 25.61
CA SER A 23 25.31 6.41 24.12
C SER A 23 24.19 7.30 23.63
N ASP A 24 24.37 7.90 22.45
CA ASP A 24 23.27 8.56 21.76
C ASP A 24 21.93 8.20 22.40
N PHE A 25 21.65 6.90 22.47
CA PHE A 25 20.30 6.34 22.63
C PHE A 25 19.47 6.86 23.79
N TYR A 26 20.09 6.96 24.96
CA TYR A 26 19.37 7.31 26.18
C TYR A 26 19.47 8.79 26.54
N ASP A 27 20.13 9.56 25.67
CA ASP A 27 20.40 10.99 25.90
C ASP A 27 19.27 11.94 25.41
N PRO A 28 19.31 13.22 25.78
CA PRO A 28 18.23 14.15 25.44
C PRO A 28 17.93 14.23 23.95
N ARG A 29 16.64 14.22 23.64
CA ARG A 29 16.15 14.48 22.29
C ARG A 29 14.81 15.25 22.41
N GLU A 30 14.46 15.99 21.36
CA GLU A 30 13.11 16.57 21.21
C GLU A 30 12.10 15.53 20.77
N ARG A 31 10.97 15.46 21.44
CA ARG A 31 9.86 14.68 20.89
C ARG A 31 8.60 15.53 20.85
N ASP A 32 7.93 15.54 19.70
CA ASP A 32 6.60 16.15 19.55
C ASP A 32 5.61 15.20 20.26
N PRO A 33 4.91 15.68 21.28
CA PRO A 33 3.95 14.82 21.98
C PRO A 33 2.80 14.39 21.05
N SER A 34 2.64 15.03 19.89
CA SER A 34 1.51 14.66 18.99
C SER A 34 1.77 13.38 18.21
N VAL A 35 3.03 12.95 18.13
CA VAL A 35 3.43 11.79 17.32
C VAL A 35 2.98 10.44 17.91
N SER A 36 2.60 9.52 17.01
CA SER A 36 2.30 8.12 17.33
C SER A 36 3.36 7.51 18.24
N ARG A 37 2.95 6.84 19.31
CA ARG A 37 3.87 6.12 20.17
C ARG A 37 3.91 4.63 19.84
N ARG A 38 3.16 4.22 18.83
CA ARG A 38 3.08 2.82 18.45
C ARG A 38 4.46 2.32 17.98
N PRO A 39 4.80 1.07 18.32
CA PRO A 39 6.06 0.47 17.85
C PRO A 39 6.07 0.26 16.34
N GLN A 40 7.26 0.00 15.83
CA GLN A 40 7.46 -0.43 14.43
C GLN A 40 6.74 0.47 13.43
N ASN A 41 6.75 1.78 13.68
CA ASN A 41 6.17 2.78 12.78
C ASN A 41 4.65 2.66 12.52
N ARG A 42 3.93 1.93 13.38
CA ARG A 42 2.49 1.61 13.13
C ARG A 42 1.57 2.81 13.21
N GLN A 43 0.45 2.73 12.49
CA GLN A 43 -0.50 3.84 12.40
C GLN A 43 -1.91 3.44 12.79
N SER A 44 -2.72 4.44 13.12
CA SER A 44 -4.12 4.28 13.55
C SER A 44 -5.00 3.82 12.41
N ASP A 45 -6.14 3.24 12.78
CA ASP A 45 -7.14 2.77 11.82
C ASP A 45 -7.71 3.91 10.99
N GLU A 46 -7.85 5.08 11.61
CA GLU A 46 -8.27 6.27 10.90
C GLU A 46 -7.29 6.69 9.81
N TRP A 47 -6.00 6.58 10.12
CA TRP A 47 -4.91 6.87 9.16
C TRP A 47 -4.93 5.90 7.99
N ILE A 48 -5.21 4.63 8.27
CA ILE A 48 -5.28 3.61 7.24
C ILE A 48 -6.43 3.89 6.28
N ARG A 49 -7.60 4.20 6.85
CA ARG A 49 -8.80 4.58 6.09
C ARG A 49 -8.49 5.76 5.16
N GLU A 50 -7.84 6.80 5.68
CA GLU A 50 -7.57 7.98 4.85
C GLU A 50 -6.57 7.69 3.74
N LEU A 51 -5.59 6.83 4.03
CA LEU A 51 -4.60 6.45 3.01
C LEU A 51 -5.28 5.67 1.87
N LEU A 52 -6.17 4.74 2.26
CA LEU A 52 -6.94 3.94 1.30
C LEU A 52 -7.88 4.77 0.44
N LEU A 53 -8.47 5.80 1.05
CA LEU A 53 -9.35 6.72 0.34
C LEU A 53 -8.64 7.60 -0.68
N ARG A 54 -7.37 7.93 -0.44
CA ARG A 54 -6.68 8.80 -1.42
C ARG A 54 -5.90 8.05 -2.48
N GLY A 55 -5.71 6.74 -2.27
CA GLY A 55 -4.95 5.94 -3.21
C GLY A 55 -5.78 5.58 -4.42
N THR A 56 -5.12 5.19 -5.51
CA THR A 56 -5.84 4.75 -6.68
C THR A 56 -5.26 3.48 -7.27
N ILE A 57 -4.00 3.16 -6.91
CA ILE A 57 -3.32 1.94 -7.36
C ILE A 57 -3.01 1.07 -6.14
N ALA A 58 -3.24 -0.22 -6.31
CA ALA A 58 -2.91 -1.22 -5.33
C ALA A 58 -2.29 -2.42 -5.99
N ARG A 59 -1.59 -3.23 -5.21
CA ARG A 59 -1.26 -4.58 -5.64
C ARG A 59 -2.08 -5.60 -4.90
N VAL A 60 -2.54 -6.62 -5.62
CA VAL A 60 -3.31 -7.67 -5.00
C VAL A 60 -2.52 -8.94 -5.21
N ALA A 61 -2.40 -9.72 -4.14
CA ALA A 61 -1.74 -11.03 -4.24
C ALA A 61 -2.74 -12.12 -3.90
N THR A 62 -2.86 -13.12 -4.76
CA THR A 62 -3.77 -14.24 -4.46
C THR A 62 -2.99 -15.47 -4.84
N LEU A 63 -3.49 -16.63 -4.42
CA LEU A 63 -2.74 -17.88 -4.54
C LEU A 63 -3.22 -18.80 -5.66
N TRP A 64 -2.29 -19.25 -6.47
CA TRP A 64 -2.61 -20.18 -7.55
C TRP A 64 -1.82 -21.48 -7.38
N GLN A 65 -2.37 -22.57 -7.90
CA GLN A 65 -1.68 -23.83 -7.87
C GLN A 65 -0.58 -23.83 -8.91
N GLY A 66 0.62 -24.20 -8.51
CA GLY A 66 1.76 -24.26 -9.41
C GLY A 66 1.99 -25.69 -9.91
N GLU A 67 3.08 -25.84 -10.63
CA GLU A 67 3.42 -27.08 -11.30
C GLU A 67 3.70 -28.24 -10.35
N ASP A 68 4.31 -27.93 -9.20
CA ASP A 68 4.59 -28.95 -8.19
C ASP A 68 3.41 -29.17 -7.23
N GLY A 69 2.26 -28.56 -7.54
CA GLY A 69 1.08 -28.65 -6.69
C GLY A 69 1.08 -27.66 -5.53
N ALA A 70 2.16 -26.92 -5.36
CA ALA A 70 2.22 -26.00 -4.24
C ALA A 70 1.54 -24.69 -4.62
N ALA A 71 0.90 -24.07 -3.65
CA ALA A 71 0.36 -22.70 -3.82
C ALA A 71 1.50 -21.71 -4.01
N PHE A 72 1.26 -20.73 -4.86
CA PHE A 72 2.20 -19.60 -4.98
C PHE A 72 1.44 -18.35 -5.37
N PRO A 73 1.96 -17.20 -4.93
CA PRO A 73 1.28 -15.93 -5.13
C PRO A 73 1.54 -15.24 -6.49
N PHE A 74 0.50 -14.68 -7.09
CA PHE A 74 0.62 -13.65 -8.11
C PHE A 74 0.68 -12.28 -7.45
N ILE A 75 1.27 -11.31 -8.10
CA ILE A 75 1.12 -9.91 -7.68
C ILE A 75 0.64 -9.07 -8.85
N THR A 76 -0.55 -8.51 -8.71
CA THR A 76 -1.18 -7.75 -9.78
C THR A 76 -1.35 -6.33 -9.33
N PRO A 77 -0.66 -5.39 -9.95
CA PRO A 77 -0.99 -3.96 -9.79
C PRO A 77 -2.26 -3.62 -10.55
N LEU A 78 -3.17 -2.92 -9.90
CA LEU A 78 -4.43 -2.53 -10.55
C LEU A 78 -5.05 -1.29 -9.92
N ALA A 79 -6.03 -0.66 -10.62
CA ALA A 79 -6.81 0.42 -10.06
C ALA A 79 -7.70 -0.15 -8.96
N TYR A 80 -7.98 0.62 -7.93
CA TYR A 80 -8.89 0.05 -6.91
C TYR A 80 -9.72 1.22 -6.31
N ALA A 81 -10.80 0.86 -5.61
CA ALA A 81 -11.48 1.84 -4.71
C ALA A 81 -11.86 1.19 -3.42
N TYR A 82 -11.61 1.90 -2.34
CA TYR A 82 -12.11 1.55 -1.01
C TYR A 82 -13.56 2.06 -0.83
N ARG A 83 -14.46 1.16 -0.44
CA ARG A 83 -15.85 1.49 -0.15
C ARG A 83 -16.06 1.29 1.37
N PRO A 84 -15.86 2.33 2.16
CA PRO A 84 -15.87 2.15 3.64
C PRO A 84 -17.15 1.56 4.24
N GLU A 85 -18.31 2.01 3.79
CA GLU A 85 -19.55 1.44 4.33
C GLU A 85 -19.74 -0.06 4.08
N GLN A 86 -19.47 -0.51 2.86
CA GLN A 86 -19.55 -1.92 2.50
C GLN A 86 -18.44 -2.73 3.16
N GLY A 87 -17.37 -2.06 3.54
CA GLY A 87 -16.20 -2.73 4.14
C GLY A 87 -15.42 -3.55 3.12
N ASP A 88 -15.26 -2.99 1.92
CA ASP A 88 -14.49 -3.72 0.90
C ASP A 88 -13.71 -2.79 0.02
N LEU A 89 -13.00 -3.41 -0.92
CA LEU A 89 -12.28 -2.68 -1.95
C LEU A 89 -12.68 -3.40 -3.22
N VAL A 90 -12.82 -2.64 -4.27
CA VAL A 90 -13.24 -3.23 -5.53
C VAL A 90 -12.23 -2.95 -6.61
N TYR A 91 -12.09 -3.90 -7.53
CA TYR A 91 -11.14 -3.75 -8.62
C TYR A 91 -11.60 -4.73 -9.70
N HIS A 92 -11.12 -4.55 -10.92
CA HIS A 92 -11.34 -5.59 -11.93
C HIS A 92 -10.02 -6.07 -12.49
N THR A 93 -9.99 -7.35 -12.83
CA THR A 93 -8.84 -7.91 -13.47
C THR A 93 -9.15 -9.23 -14.15
N ASN A 94 -8.65 -9.39 -15.36
CA ASN A 94 -8.83 -10.67 -16.09
C ASN A 94 -7.63 -11.60 -15.98
N VAL A 95 -6.66 -11.23 -15.13
CA VAL A 95 -5.48 -12.07 -14.86
C VAL A 95 -5.88 -13.31 -14.05
N VAL A 96 -5.55 -14.46 -14.59
CA VAL A 96 -5.84 -15.74 -13.95
C VAL A 96 -4.64 -16.67 -14.06
N GLY A 97 -4.69 -17.75 -13.30
CA GLY A 97 -3.70 -18.80 -13.39
C GLY A 97 -4.46 -19.99 -13.96
N ARG A 98 -4.01 -21.18 -13.60
CA ARG A 98 -4.73 -22.43 -13.83
C ARG A 98 -5.84 -22.63 -12.78
N LEU A 99 -5.55 -23.27 -11.65
CA LEU A 99 -6.53 -23.35 -10.55
C LEU A 99 -6.09 -22.52 -9.37
N ARG A 100 -7.06 -21.91 -8.68
CA ARG A 100 -6.74 -21.19 -7.43
C ARG A 100 -6.41 -22.19 -6.35
N ALA A 101 -5.45 -21.86 -5.49
CA ALA A 101 -5.14 -22.78 -4.39
C ALA A 101 -6.06 -22.40 -3.24
N ASN A 102 -7.30 -22.88 -3.31
CA ASN A 102 -8.40 -22.31 -2.54
C ASN A 102 -9.63 -23.22 -2.61
N ALA A 103 -10.24 -23.49 -1.46
CA ALA A 103 -11.57 -24.12 -1.43
C ALA A 103 -12.71 -23.07 -1.32
N GLY A 104 -13.69 -23.12 -2.21
CA GLY A 104 -14.86 -22.22 -2.12
C GLY A 104 -15.06 -21.23 -3.27
N GLN A 105 -16.06 -20.36 -3.11
CA GLN A 105 -16.40 -19.32 -4.09
C GLN A 105 -15.65 -18.01 -3.96
N GLY A 106 -15.14 -17.73 -2.75
CA GLY A 106 -14.26 -16.57 -2.54
C GLY A 106 -12.84 -17.10 -2.36
N HIS A 107 -11.86 -16.20 -2.45
CA HIS A 107 -10.48 -16.63 -2.19
C HIS A 107 -9.83 -15.60 -1.28
N PRO A 108 -8.96 -16.07 -0.39
CA PRO A 108 -8.12 -15.17 0.41
C PRO A 108 -7.30 -14.23 -0.49
N ALA A 109 -7.23 -12.96 -0.10
CA ALA A 109 -6.49 -11.99 -0.89
C ALA A 109 -5.83 -10.99 0.05
N THR A 110 -4.61 -10.63 -0.31
CA THR A 110 -3.88 -9.55 0.31
C THR A 110 -3.80 -8.40 -0.65
N LEU A 111 -4.02 -7.20 -0.13
CA LEU A 111 -3.96 -6.05 -0.97
C LEU A 111 -3.04 -5.04 -0.31
N GLU A 112 -2.20 -4.40 -1.12
CA GLU A 112 -1.22 -3.42 -0.62
C GLU A 112 -1.39 -2.08 -1.37
N VAL A 113 -1.45 -0.99 -0.60
CA VAL A 113 -1.45 0.41 -1.13
C VAL A 113 -0.33 1.20 -0.43
N SER A 114 0.53 1.87 -1.18
CA SER A 114 1.60 2.67 -0.60
C SER A 114 1.79 3.99 -1.28
N GLU A 115 2.33 4.94 -0.53
CA GLU A 115 2.86 6.20 -1.03
C GLU A 115 4.36 6.15 -0.79
N ILE A 116 5.12 6.16 -1.88
CA ILE A 116 6.56 6.02 -1.81
C ILE A 116 7.14 7.37 -2.17
N GLY A 117 7.95 7.93 -1.29
CA GLY A 117 8.51 9.26 -1.49
C GLY A 117 9.92 9.12 -2.03
N GLN A 118 10.82 9.96 -1.53
CA GLN A 118 12.20 10.02 -2.04
C GLN A 118 13.12 9.03 -1.34
N PHE A 119 14.15 8.59 -2.07
CA PHE A 119 15.24 7.86 -1.41
C PHE A 119 16.06 8.83 -0.59
N LEU A 120 16.44 8.39 0.59
CA LEU A 120 17.06 9.27 1.58
C LEU A 120 18.51 8.87 1.81
N PRO A 121 19.48 9.66 1.30
CA PRO A 121 20.92 9.36 1.45
C PRO A 121 21.45 9.51 2.85
N SER A 122 22.49 8.74 3.15
CA SER A 122 23.21 8.76 4.45
C SER A 122 24.66 8.36 4.26
N ASN A 123 25.55 8.85 5.13
CA ASN A 123 26.93 8.40 5.26
C ASN A 123 26.98 7.16 6.14
N SER A 124 25.80 6.71 6.60
CA SER A 124 25.67 5.42 7.27
C SER A 124 24.91 4.41 6.39
N PRO A 125 25.56 3.33 5.98
CA PRO A 125 25.03 2.51 4.90
C PRO A 125 23.70 1.81 5.25
N LEU A 126 23.54 1.45 6.51
CA LEU A 126 22.28 0.83 6.90
C LEU A 126 21.18 1.83 7.27
N GLU A 127 21.46 3.12 7.12
CA GLU A 127 20.42 4.14 7.24
C GLU A 127 19.88 4.64 5.90
N LEU A 128 20.47 4.20 4.80
CA LEU A 128 19.89 4.48 3.50
C LEU A 128 18.48 3.99 3.53
N SER A 129 17.55 4.81 3.06
CA SER A 129 16.17 4.43 3.06
C SER A 129 15.33 5.19 2.07
N VAL A 130 14.04 4.91 2.11
CA VAL A 130 13.09 5.60 1.24
C VAL A 130 11.90 6.00 2.11
N GLN A 131 11.34 7.18 1.87
CA GLN A 131 10.08 7.59 2.49
C GLN A 131 8.95 6.70 2.05
N TYR A 132 8.10 6.28 2.98
CA TYR A 132 6.95 5.45 2.60
C TYR A 132 5.80 5.62 3.59
N ARG A 133 4.59 5.42 3.07
CA ARG A 133 3.36 5.20 3.83
C ARG A 133 2.76 3.95 3.22
N SER A 134 2.38 2.98 4.03
CA SER A 134 1.97 1.70 3.44
C SER A 134 0.88 0.96 4.21
N VAL A 135 -0.10 0.45 3.47
CA VAL A 135 -1.21 -0.32 4.06
C VAL A 135 -1.22 -1.75 3.52
N MET A 136 -1.33 -2.72 4.41
CA MET A 136 -1.60 -4.11 4.05
C MET A 136 -3.03 -4.46 4.53
N VAL A 137 -3.79 -5.05 3.61
CA VAL A 137 -5.20 -5.45 3.84
C VAL A 137 -5.32 -6.95 3.60
N PHE A 138 -5.98 -7.64 4.52
CA PHE A 138 -6.16 -9.07 4.40
C PHE A 138 -7.65 -9.40 4.36
N GLY A 139 -8.08 -10.20 3.39
CA GLY A 139 -9.47 -10.49 3.30
C GLY A 139 -9.82 -11.62 2.34
N THR A 140 -11.09 -11.66 1.95
CA THR A 140 -11.63 -12.63 0.99
C THR A 140 -12.22 -11.90 -0.20
N ALA A 141 -11.71 -12.18 -1.39
CA ALA A 141 -12.23 -11.63 -2.62
C ALA A 141 -13.21 -12.60 -3.24
N ARG A 142 -14.29 -12.04 -3.80
CA ARG A 142 -15.33 -12.76 -4.51
C ARG A 142 -15.66 -12.00 -5.78
N VAL A 143 -16.00 -12.76 -6.82
CA VAL A 143 -16.42 -12.20 -8.09
C VAL A 143 -17.86 -11.64 -7.95
N LEU A 144 -18.11 -10.46 -8.53
CA LEU A 144 -19.42 -9.83 -8.49
C LEU A 144 -20.15 -10.08 -9.81
N ALA A 145 -21.48 -10.06 -9.78
CA ALA A 145 -22.25 -10.25 -11.00
C ALA A 145 -23.28 -9.14 -11.15
N GLY A 146 -23.66 -8.87 -12.40
CA GLY A 146 -24.85 -8.05 -12.68
C GLY A 146 -24.74 -6.65 -12.14
N GLU A 147 -25.79 -6.21 -11.44
CA GLU A 147 -25.88 -4.85 -10.95
C GLU A 147 -24.89 -4.59 -9.80
N ASP A 148 -24.49 -5.63 -9.07
CA ASP A 148 -23.36 -5.55 -8.14
C ASP A 148 -22.07 -5.18 -8.82
N ALA A 149 -21.72 -5.92 -9.87
CA ALA A 149 -20.57 -5.62 -10.72
C ALA A 149 -20.67 -4.25 -11.37
N ARG A 150 -21.81 -3.91 -11.95
CA ARG A 150 -21.95 -2.60 -12.61
C ARG A 150 -21.72 -1.48 -11.59
N ALA A 151 -22.31 -1.58 -10.41
CA ALA A 151 -22.15 -0.54 -9.37
C ALA A 151 -20.72 -0.40 -8.89
N ALA A 152 -20.03 -1.52 -8.71
CA ALA A 152 -18.65 -1.49 -8.27
C ALA A 152 -17.73 -0.90 -9.33
N LEU A 153 -17.91 -1.29 -10.59
CA LEU A 153 -17.14 -0.69 -11.69
C LEU A 153 -17.38 0.81 -11.83
N THR A 154 -18.62 1.24 -11.57
CA THR A 154 -18.95 2.68 -11.55
C THR A 154 -18.27 3.44 -10.41
N THR A 155 -18.41 2.96 -9.18
CA THR A 155 -17.66 3.53 -8.06
C THR A 155 -16.16 3.61 -8.35
N LEU A 156 -15.58 2.53 -8.88
CA LEU A 156 -14.17 2.48 -9.20
C LEU A 156 -13.81 3.59 -10.21
N SER A 157 -14.49 3.56 -11.36
CA SER A 157 -14.22 4.49 -12.48
C SER A 157 -14.37 5.95 -12.06
N GLU A 158 -15.40 6.24 -11.27
CA GLU A 158 -15.69 7.62 -10.88
C GLU A 158 -14.75 8.07 -9.76
N ARG A 159 -14.12 7.09 -9.10
CA ARG A 159 -13.09 7.33 -8.07
C ARG A 159 -11.75 7.68 -8.70
N VAL A 160 -11.31 6.88 -9.67
CA VAL A 160 -9.98 7.07 -10.23
C VAL A 160 -9.93 8.17 -11.32
N PHE A 161 -11.09 8.56 -11.82
CA PHE A 161 -11.22 9.67 -12.73
C PHE A 161 -12.20 10.69 -12.13
N PRO A 162 -11.71 11.59 -11.28
CA PRO A 162 -12.60 12.53 -10.62
C PRO A 162 -13.26 13.44 -11.63
N GLY A 163 -14.57 13.55 -11.53
CA GLY A 163 -15.34 14.35 -12.44
C GLY A 163 -15.99 13.54 -13.53
N LEU A 164 -15.51 12.31 -13.74
CA LEU A 164 -16.13 11.47 -14.76
C LEU A 164 -17.37 10.87 -14.12
N LYS A 165 -18.43 10.76 -14.92
CA LYS A 165 -19.71 10.16 -14.58
C LYS A 165 -20.09 9.16 -15.65
N VAL A 166 -20.17 7.90 -15.25
CA VAL A 166 -20.60 6.82 -16.12
C VAL A 166 -22.06 7.13 -16.49
N GLY A 167 -22.41 6.97 -17.77
CA GLY A 167 -23.76 7.31 -18.25
C GLY A 167 -23.87 8.72 -18.82
N GLU A 168 -22.85 9.52 -18.62
CA GLU A 168 -22.84 10.91 -19.08
C GLU A 168 -21.56 11.14 -19.84
N THR A 169 -20.44 11.08 -19.12
CA THR A 169 -19.10 11.20 -19.70
C THR A 169 -18.85 10.00 -20.63
N THR A 170 -19.29 8.83 -20.18
CA THR A 170 -19.13 7.60 -20.94
C THR A 170 -20.52 7.07 -21.21
N ARG A 171 -20.66 6.25 -22.23
CA ARG A 171 -21.86 5.46 -22.37
C ARG A 171 -22.03 4.60 -21.13
N PRO A 172 -23.23 4.19 -20.81
CA PRO A 172 -23.44 3.26 -19.69
C PRO A 172 -22.72 1.92 -19.86
N ILE A 173 -22.47 1.26 -18.73
CA ILE A 173 -21.91 -0.10 -18.70
C ILE A 173 -22.97 -1.12 -19.14
N SER A 174 -22.67 -1.82 -20.23
CA SER A 174 -23.62 -2.71 -20.91
C SER A 174 -23.46 -4.13 -20.42
N GLU A 175 -24.38 -5.00 -20.83
CA GLU A 175 -24.28 -6.40 -20.42
C GLU A 175 -23.08 -7.09 -21.04
N ASP A 176 -22.72 -6.66 -22.24
CA ASP A 176 -21.51 -7.17 -22.90
C ASP A 176 -20.24 -6.76 -22.11
N ASP A 177 -20.15 -5.50 -21.69
CA ASP A 177 -19.05 -5.06 -20.85
C ASP A 177 -18.89 -6.00 -19.68
N LEU A 178 -20.00 -6.34 -19.06
CA LEU A 178 -19.95 -7.10 -17.84
C LEU A 178 -19.51 -8.55 -18.12
N LYS A 179 -19.85 -9.07 -19.31
CA LYS A 179 -19.53 -10.48 -19.66
C LYS A 179 -18.04 -10.64 -19.87
N ARG A 180 -17.40 -9.55 -20.29
CA ARG A 180 -16.00 -9.49 -20.63
C ARG A 180 -15.07 -9.10 -19.47
N THR A 181 -15.64 -8.83 -18.29
CA THR A 181 -14.89 -8.25 -17.16
C THR A 181 -15.10 -9.02 -15.88
N SER A 182 -14.02 -9.30 -15.17
CA SER A 182 -14.12 -9.95 -13.88
C SER A 182 -13.95 -8.85 -12.84
N VAL A 183 -15.00 -8.60 -12.08
CA VAL A 183 -15.04 -7.51 -11.08
C VAL A 183 -15.13 -8.12 -9.69
N TYR A 184 -14.32 -7.65 -8.74
CA TYR A 184 -14.18 -8.34 -7.45
C TYR A 184 -14.50 -7.39 -6.32
N SER A 185 -15.04 -7.94 -5.21
CA SER A 185 -15.13 -7.25 -3.93
C SER A 185 -14.19 -7.99 -3.00
N LEU A 186 -13.19 -7.29 -2.49
CA LEU A 186 -12.32 -7.82 -1.47
C LEU A 186 -12.89 -7.36 -0.13
N SER A 187 -13.50 -8.29 0.56
CA SER A 187 -14.11 -7.96 1.80
C SER A 187 -13.06 -7.98 2.93
N ILE A 188 -12.90 -6.85 3.63
CA ILE A 188 -11.79 -6.69 4.56
C ILE A 188 -12.01 -7.46 5.88
N ASP A 189 -10.99 -8.23 6.31
CA ASP A 189 -10.96 -8.85 7.66
C ASP A 189 -10.07 -8.05 8.63
N ARG A 190 -8.88 -7.68 8.15
CA ARG A 190 -7.79 -7.08 8.94
C ARG A 190 -6.98 -6.14 8.06
N TRP A 191 -6.42 -5.13 8.69
CA TRP A 191 -5.47 -4.29 7.98
C TRP A 191 -4.33 -3.81 8.90
N SER A 192 -3.30 -3.23 8.29
CA SER A 192 -2.08 -2.79 8.97
C SER A 192 -1.67 -1.51 8.25
N GLY A 193 -0.99 -0.61 8.97
CA GLY A 193 -0.56 0.66 8.39
C GLY A 193 0.73 1.09 9.04
N LYS A 194 1.66 1.56 8.21
CA LYS A 194 3.04 1.79 8.59
C LYS A 194 3.51 3.04 7.85
N GLU A 195 4.19 3.93 8.57
CA GLU A 195 4.78 5.11 7.95
C GLU A 195 6.15 5.47 8.51
N ASN A 196 7.06 5.70 7.58
CA ASN A 196 8.29 6.37 7.89
C ASN A 196 8.58 7.36 6.78
N TRP A 197 8.27 8.62 7.08
CA TRP A 197 8.38 9.73 6.16
C TRP A 197 9.27 10.80 6.79
N ALA A 198 10.51 10.46 7.12
CA ALA A 198 11.42 11.46 7.69
C ALA A 198 11.90 12.36 6.56
N GLU A 199 12.33 13.58 6.86
CA GLU A 199 12.88 14.43 5.79
C GLU A 199 14.35 14.13 5.48
N GLN A 200 15.03 13.47 6.43
CA GLN A 200 16.45 13.17 6.28
C GLN A 200 16.68 11.84 7.00
N ALA A 201 17.51 10.98 6.39
CA ALA A 201 17.90 9.73 7.08
C ALA A 201 18.83 10.05 8.25
N ILE A 202 18.86 9.17 9.25
CA ILE A 202 19.89 9.26 10.29
C ILE A 202 21.31 9.23 9.69
N GLN A 203 22.17 10.14 10.12
CA GLN A 203 23.52 10.22 9.58
C GLN A 203 24.51 9.74 10.64
N GLU A 204 25.72 9.37 10.21
CA GLU A 204 26.81 9.02 11.12
C GLU A 204 27.74 10.23 11.31
N GLU A 205 27.74 10.80 12.51
CA GLU A 205 28.54 11.99 12.80
C GLU A 205 30.05 11.75 12.67
N ASP A 206 30.49 10.53 12.97
CA ASP A 206 31.93 10.22 12.97
C ASP A 206 32.45 9.74 11.59
N TRP A 207 31.74 10.05 10.51
CA TRP A 207 32.24 9.80 9.16
C TRP A 207 32.06 11.12 8.41
N PRO A 208 32.90 11.48 7.44
CA PRO A 208 32.63 12.68 6.63
C PRO A 208 31.16 12.87 6.28
N ALA A 209 30.61 14.05 6.58
CA ALA A 209 29.20 14.33 6.27
C ALA A 209 28.98 14.23 4.76
N LEU A 210 27.76 13.89 4.37
CA LEU A 210 27.40 13.96 2.94
C LEU A 210 27.56 15.39 2.43
N GLY A 211 28.08 15.53 1.20
CA GLY A 211 28.17 16.84 0.53
C GLY A 211 26.83 17.38 0.07
N PRO A 212 26.82 18.61 -0.48
CA PRO A 212 25.56 19.28 -0.90
C PRO A 212 24.88 18.63 -2.10
N GLU A 213 25.63 17.89 -2.91
CA GLU A 213 25.03 17.07 -3.96
C GLU A 213 23.91 16.18 -3.37
N TRP A 214 24.14 15.62 -2.19
CA TRP A 214 23.21 14.65 -1.60
C TRP A 214 22.01 15.24 -0.91
N LEU A 215 22.23 16.21 -0.04
CA LEU A 215 21.15 16.70 0.80
C LEU A 215 20.61 18.07 0.36
N GLY A 216 21.28 18.69 -0.61
CA GLY A 216 20.89 19.99 -1.13
C GLY A 216 19.98 19.97 -2.35
#